data_4RNQ
#
_entry.id   4RNQ
#
_cell.length_a   126.750
_cell.length_b   126.750
_cell.length_c   124.300
_cell.angle_alpha   90.000
_cell.angle_beta   90.000
_cell.angle_gamma   90.000
#
_symmetry.space_group_name_H-M   'P 41 21 2'
#
loop_
_entity.id
_entity.type
_entity.pdbx_description
1 polymer '5-epi-aristolochene synthase'
2 non-polymer 'MAGNESIUM ION'
3 non-polymer '(2E,6E)-3,7-dimethyl-8-(phenylamino)octa-2,6-dien-1-yl trihydrogen diphosphate'
4 non-polymer Geraniline
5 non-polymer DIPHOSPHATE
6 non-polymer 'ACETATE ION'
7 water water
#
_entity_poly.entity_id   1
_entity_poly.type   'polypeptide(L)'
_entity_poly.pdbx_seq_one_letter_code
;GSMASAAVANYEEEIVRPVADFSPSLWGDQFLSFSIKNQVAEKYAKEIEALKEQTRNMLLATGMKLADTLNLIDTIERLG
ISYHFEKEIDDILDQIYNQNSNCNDLCTSALQFRLLRQHGFNISPEIFSKFQDENGKFKESLASDVLGLLNLYEASHVRT
HADDILEDALAFSTIHLESAAPHLKSPLREQVTHALEQCLHKGVPRVETRFFISSIYDKEQSKNNVLLRFAKLDFNLLQM
LHKQELAQVSRWWKDLDFVTTLPYARDRVVECYFWALGVYFEPQYSQARVMLVKTISMISIVDDTFDAYGTVKELEAYTD
AIQRWDINEIDRLPDYMKISYKAILDLYKDYEKELSSAGRSHIVCHAIERMKEVVRNYNVESTWFIEGYTPPVSEYLSNA
LATTTYYYLATTSYLGMKSATEQDFEWLSKNPKILEASVIICRVIDDTATYEVEKSRGQIATGIECCMRDYGISTKEAMA
KFQNMAETAWKDINEGLLRPTPVSTEFLTPILNLARIVEVTYIHNLDGYTHPEKVLKPHIINLLVDSIKI
;
_entity_poly.pdbx_strand_id   A
#
# COMPACT_ATOMS: atom_id res chain seq x y z
N ILE A 15 -23.51 29.87 -13.94
CA ILE A 15 -23.09 28.51 -13.60
C ILE A 15 -22.81 28.32 -12.11
N VAL A 16 -23.81 27.87 -11.37
CA VAL A 16 -23.67 27.65 -9.93
C VAL A 16 -23.35 26.19 -9.62
N ARG A 17 -22.44 25.96 -8.69
CA ARG A 17 -21.81 24.64 -8.48
C ARG A 17 -22.09 24.02 -7.10
N PRO A 18 -21.91 22.69 -6.98
CA PRO A 18 -22.09 22.02 -5.69
C PRO A 18 -21.22 22.63 -4.59
N VAL A 19 -21.75 22.71 -3.38
CA VAL A 19 -21.03 23.37 -2.28
C VAL A 19 -19.87 22.49 -1.79
N ALA A 20 -18.75 23.14 -1.53
CA ALA A 20 -17.57 22.49 -0.98
C ALA A 20 -17.92 21.90 0.38
N ASP A 21 -17.54 20.65 0.60
CA ASP A 21 -18.00 19.91 1.76
C ASP A 21 -16.89 19.07 2.39
N PHE A 22 -15.67 19.28 1.92
CA PHE A 22 -14.53 18.52 2.39
C PHE A 22 -13.96 19.10 3.68
N SER A 23 -13.35 18.25 4.50
CA SER A 23 -12.64 18.72 5.68
C SER A 23 -11.34 19.37 5.24
N PRO A 24 -10.92 20.44 5.94
CA PRO A 24 -9.62 21.03 5.61
C PRO A 24 -8.49 20.15 6.15
N SER A 25 -7.36 20.13 5.45
CA SER A 25 -6.12 19.55 5.98
C SER A 25 -6.01 19.86 7.45
N LEU A 26 -5.82 18.82 8.25
CA LEU A 26 -5.76 19.01 9.69
C LEU A 26 -4.35 19.34 10.18
N TRP A 27 -3.41 19.47 9.23
CA TRP A 27 -2.01 19.62 9.58
C TRP A 27 -1.51 21.07 9.57
N GLY A 28 -2.24 21.97 8.92
CA GLY A 28 -1.75 23.34 8.76
C GLY A 28 -0.40 23.29 8.07
N ASP A 29 0.56 24.08 8.55
CA ASP A 29 1.91 24.00 7.98
C ASP A 29 2.94 23.46 8.97
N GLN A 30 2.52 22.53 9.82
CA GLN A 30 3.42 21.94 10.79
C GLN A 30 4.52 21.08 10.16
N PHE A 31 4.38 20.77 8.88
CA PHE A 31 5.43 20.03 8.19
C PHE A 31 6.21 20.94 7.25
N LEU A 32 5.82 22.20 7.17
CA LEU A 32 6.31 23.09 6.11
C LEU A 32 7.81 23.33 6.18
N SER A 33 8.35 23.31 7.39
CA SER A 33 9.76 23.58 7.54
C SER A 33 10.40 22.62 8.53
N PHE A 34 11.09 21.62 8.02
CA PHE A 34 11.90 20.78 8.87
C PHE A 34 13.38 20.88 8.55
N SER A 35 14.16 21.26 9.55
CA SER A 35 15.61 21.29 9.46
C SER A 35 16.23 20.08 10.15
N ILE A 36 16.90 19.23 9.37
CA ILE A 36 17.58 18.06 9.91
C ILE A 36 18.67 18.49 10.90
N LYS A 37 18.83 17.73 11.97
CA LYS A 37 19.93 17.99 12.90
C LYS A 37 21.09 17.07 12.54
N ASN A 38 22.03 17.62 11.76
CA ASN A 38 23.15 16.85 11.26
C ASN A 38 23.95 16.21 12.39
N GLN A 39 24.06 16.92 13.51
CA GLN A 39 24.71 16.40 14.70
C GLN A 39 24.05 15.07 15.10
N VAL A 40 22.73 15.09 15.26
CA VAL A 40 21.98 13.91 15.67
C VAL A 40 22.09 12.82 14.62
N ALA A 41 21.96 13.21 13.35
CA ALA A 41 21.89 12.27 12.25
C ALA A 41 23.19 11.48 12.06
N GLU A 42 24.33 12.17 12.20
CA GLU A 42 25.62 11.51 12.00
C GLU A 42 25.92 10.58 13.18
N LYS A 43 25.49 10.99 14.37
CA LYS A 43 25.58 10.13 15.54
C LYS A 43 24.81 8.83 15.29
N TYR A 44 23.51 8.94 15.03
CA TYR A 44 22.66 7.79 14.70
C TYR A 44 23.28 6.88 13.63
N ALA A 45 23.71 7.48 12.53
CA ALA A 45 24.30 6.73 11.44
C ALA A 45 25.58 5.99 11.85
N LYS A 46 26.42 6.64 12.64
CA LYS A 46 27.67 6.03 13.08
C LYS A 46 27.43 4.79 13.94
N GLU A 47 26.45 4.85 14.84
CA GLU A 47 26.15 3.71 15.70
C GLU A 47 25.59 2.58 14.86
N ILE A 48 24.64 2.94 13.99
CA ILE A 48 23.94 1.98 13.16
C ILE A 48 24.92 1.14 12.35
N GLU A 49 25.99 1.76 11.85
CA GLU A 49 26.95 1.00 11.06
C GLU A 49 27.49 -0.17 11.89
N ALA A 50 27.87 0.12 13.12
CA ALA A 50 28.35 -0.92 14.03
C ALA A 50 27.25 -1.95 14.29
N LEU A 51 26.05 -1.46 14.58
CA LEU A 51 24.94 -2.32 14.93
C LEU A 51 24.52 -3.20 13.74
N LYS A 52 24.67 -2.66 12.53
CA LYS A 52 24.36 -3.38 11.30
C LYS A 52 25.20 -4.64 11.19
N GLU A 53 26.52 -4.47 11.32
CA GLU A 53 27.45 -5.58 11.26
C GLU A 53 27.20 -6.61 12.36
N GLN A 54 26.89 -6.13 13.56
CA GLN A 54 26.55 -7.04 14.64
C GLN A 54 25.38 -7.90 14.20
N THR A 55 24.42 -7.27 13.52
CA THR A 55 23.22 -7.97 13.08
C THR A 55 23.52 -8.89 11.91
N ARG A 56 24.37 -8.43 10.98
CA ARG A 56 24.78 -9.27 9.85
C ARG A 56 25.41 -10.57 10.35
N ASN A 57 26.25 -10.48 11.37
CA ASN A 57 26.89 -11.65 11.93
C ASN A 57 25.92 -12.57 12.65
N MET A 58 24.87 -12.01 13.24
CA MET A 58 23.80 -12.84 13.81
C MET A 58 23.21 -13.71 12.68
N LEU A 59 22.88 -13.08 11.56
CA LEU A 59 22.34 -13.78 10.39
C LEU A 59 23.29 -14.83 9.78
N LEU A 60 24.60 -14.62 9.93
CA LEU A 60 25.56 -15.50 9.27
C LEU A 60 26.15 -16.53 10.22
N ALA A 61 25.63 -16.57 11.46
CA ALA A 61 26.08 -17.54 12.45
C ALA A 61 25.87 -18.94 11.93
N THR A 62 26.87 -19.80 12.13
CA THR A 62 26.82 -21.16 11.62
C THR A 62 26.01 -22.05 12.58
N GLY A 63 25.43 -23.11 12.04
CA GLY A 63 24.69 -24.08 12.81
C GLY A 63 23.59 -23.58 13.75
N MET A 64 22.66 -22.77 13.24
CA MET A 64 21.47 -22.44 14.01
C MET A 64 20.37 -23.46 13.74
N LYS A 65 19.46 -23.63 14.69
CA LYS A 65 18.25 -24.42 14.44
C LYS A 65 17.34 -23.68 13.45
N LEU A 66 16.57 -24.44 12.68
CA LEU A 66 15.64 -23.87 11.73
C LEU A 66 14.70 -22.84 12.40
N ALA A 67 14.13 -23.20 13.54
CA ALA A 67 13.18 -22.33 14.21
C ALA A 67 13.84 -21.04 14.71
N ASP A 68 15.11 -21.12 15.08
CA ASP A 68 15.82 -19.92 15.52
C ASP A 68 16.12 -18.99 14.36
N THR A 69 16.42 -19.59 13.21
CA THR A 69 16.74 -18.84 12.02
C THR A 69 15.50 -18.09 11.50
N LEU A 70 14.37 -18.79 11.49
CA LEU A 70 13.13 -18.22 11.02
C LEU A 70 12.66 -17.14 11.99
N ASN A 71 12.87 -17.35 13.28
CA ASN A 71 12.50 -16.29 14.21
C ASN A 71 13.42 -15.07 14.10
N LEU A 72 14.68 -15.29 13.76
CA LEU A 72 15.62 -14.19 13.64
C LEU A 72 15.21 -13.31 12.47
N ILE A 73 15.05 -13.96 11.32
CA ILE A 73 14.65 -13.29 10.10
C ILE A 73 13.28 -12.62 10.28
N ASP A 74 12.34 -13.30 10.91
CA ASP A 74 11.02 -12.71 11.15
C ASP A 74 11.18 -11.44 11.93
N THR A 75 11.97 -11.51 13.00
CA THR A 75 12.13 -10.40 13.93
C THR A 75 12.74 -9.18 13.24
N ILE A 76 13.82 -9.41 12.51
CA ILE A 76 14.48 -8.36 11.75
C ILE A 76 13.52 -7.72 10.73
N GLU A 77 12.70 -8.52 10.07
CA GLU A 77 11.76 -7.98 9.07
C GLU A 77 10.69 -7.13 9.72
N ARG A 78 10.14 -7.63 10.81
CA ARG A 78 9.15 -6.87 11.54
C ARG A 78 9.76 -5.59 12.14
N LEU A 79 11.06 -5.61 12.35
CA LEU A 79 11.71 -4.49 13.03
C LEU A 79 11.99 -3.40 12.02
N GLY A 80 11.78 -3.71 10.75
CA GLY A 80 11.92 -2.74 9.69
C GLY A 80 13.34 -2.60 9.18
N ILE A 81 14.25 -3.45 9.64
CA ILE A 81 15.65 -3.32 9.27
C ILE A 81 16.12 -4.38 8.28
N SER A 82 15.20 -5.23 7.82
CA SER A 82 15.54 -6.30 6.87
C SER A 82 16.09 -5.79 5.53
N TYR A 83 15.64 -4.61 5.08
CA TYR A 83 16.14 -4.05 3.81
C TYR A 83 17.66 -3.86 3.80
N HIS A 84 18.28 -3.89 4.99
CA HIS A 84 19.73 -3.88 5.09
C HIS A 84 20.37 -5.23 4.75
N PHE A 85 19.56 -6.28 4.71
CA PHE A 85 20.09 -7.63 4.51
C PHE A 85 19.30 -8.43 3.50
N GLU A 86 19.08 -7.87 2.32
CA GLU A 86 18.29 -8.56 1.32
C GLU A 86 19.06 -9.79 0.83
N LYS A 87 20.35 -9.62 0.57
CA LYS A 87 21.23 -10.72 0.18
C LYS A 87 21.18 -11.83 1.21
N GLU A 88 21.71 -11.55 2.41
CA GLU A 88 21.83 -12.53 3.48
C GLU A 88 20.53 -13.29 3.70
N ILE A 89 19.44 -12.55 3.80
CA ILE A 89 18.15 -13.14 4.14
C ILE A 89 17.69 -14.03 3.01
N ASP A 90 18.01 -13.66 1.78
CA ASP A 90 17.57 -14.45 0.64
C ASP A 90 18.35 -15.75 0.55
N ASP A 91 19.67 -15.65 0.63
CA ASP A 91 20.54 -16.83 0.68
C ASP A 91 20.05 -17.86 1.71
N ILE A 92 19.64 -17.37 2.88
CA ILE A 92 19.20 -18.27 3.93
C ILE A 92 17.87 -18.95 3.60
N LEU A 93 16.88 -18.17 3.16
CA LEU A 93 15.59 -18.72 2.76
C LEU A 93 15.74 -19.68 1.57
N ASP A 94 16.56 -19.31 0.59
CA ASP A 94 16.83 -20.17 -0.56
C ASP A 94 17.39 -21.52 -0.12
N GLN A 95 18.25 -21.53 0.89
CA GLN A 95 18.79 -22.79 1.40
C GLN A 95 17.68 -23.58 2.07
N ILE A 96 16.90 -22.89 2.90
CA ILE A 96 15.78 -23.52 3.60
C ILE A 96 14.78 -24.16 2.61
N TYR A 97 14.48 -23.43 1.54
CA TYR A 97 13.51 -23.85 0.54
C TYR A 97 13.98 -25.08 -0.19
N ASN A 98 15.25 -25.09 -0.57
CA ASN A 98 15.84 -26.18 -1.34
C ASN A 98 16.17 -27.43 -0.51
N GLN A 99 15.85 -27.42 0.78
CA GLN A 99 16.18 -28.55 1.65
C GLN A 99 14.96 -29.38 2.02
N ASN A 100 13.78 -28.76 2.01
CA ASN A 100 12.51 -29.43 2.33
C ASN A 100 12.55 -30.10 3.71
N SER A 101 12.21 -29.32 4.73
CA SER A 101 12.20 -29.81 6.10
C SER A 101 10.76 -30.01 6.59
N ASN A 102 10.30 -31.25 6.51
CA ASN A 102 8.95 -31.60 6.95
C ASN A 102 9.05 -32.44 8.22
N CYS A 103 9.32 -31.75 9.32
CA CYS A 103 9.52 -32.41 10.60
C CYS A 103 9.40 -31.39 11.74
N ASN A 104 8.63 -30.33 11.52
CA ASN A 104 8.45 -29.30 12.54
C ASN A 104 7.02 -29.16 13.05
N ASP A 105 6.87 -28.33 14.07
CA ASP A 105 5.57 -28.06 14.70
C ASP A 105 4.85 -26.91 13.98
N LEU A 106 3.60 -26.66 14.37
CA LEU A 106 2.76 -25.68 13.67
C LEU A 106 3.41 -24.31 13.57
N CYS A 107 3.91 -23.79 14.68
CA CYS A 107 4.52 -22.46 14.72
CA CYS A 107 4.48 -22.44 14.67
C CYS A 107 5.67 -22.33 13.71
N THR A 108 6.65 -23.22 13.81
CA THR A 108 7.78 -23.17 12.88
C THR A 108 7.34 -23.41 11.42
N SER A 109 6.38 -24.32 11.21
CA SER A 109 5.94 -24.68 9.86
C SER A 109 5.23 -23.50 9.18
N ALA A 110 4.29 -22.90 9.91
CA ALA A 110 3.53 -21.76 9.41
C ALA A 110 4.45 -20.56 9.11
N LEU A 111 5.42 -20.31 9.99
CA LEU A 111 6.35 -19.22 9.75
C LEU A 111 7.24 -19.48 8.53
N GLN A 112 7.85 -20.66 8.49
CA GLN A 112 8.59 -21.11 7.30
C GLN A 112 7.77 -20.89 6.02
N PHE A 113 6.50 -21.29 6.07
CA PHE A 113 5.63 -21.16 4.92
C PHE A 113 5.47 -19.71 4.53
N ARG A 114 5.14 -18.87 5.51
CA ARG A 114 4.88 -17.46 5.24
C ARG A 114 6.12 -16.75 4.69
N LEU A 115 7.24 -16.88 5.38
CA LEU A 115 8.47 -16.24 4.96
C LEU A 115 8.88 -16.64 3.55
N LEU A 116 8.89 -17.93 3.25
CA LEU A 116 9.28 -18.36 1.92
C LEU A 116 8.31 -17.83 0.85
N ARG A 117 7.02 -17.87 1.15
CA ARG A 117 6.02 -17.40 0.17
C ARG A 117 6.19 -15.90 -0.09
N GLN A 118 6.45 -15.13 0.97
CA GLN A 118 6.57 -13.68 0.83
C GLN A 118 7.77 -13.29 -0.04
N HIS A 119 8.75 -14.18 -0.07
CA HIS A 119 9.97 -13.97 -0.85
C HIS A 119 9.95 -14.70 -2.20
N GLY A 120 8.78 -15.23 -2.57
CA GLY A 120 8.60 -15.81 -3.89
C GLY A 120 8.97 -17.28 -4.03
N PHE A 121 9.36 -17.93 -2.92
CA PHE A 121 9.68 -19.34 -2.93
C PHE A 121 8.41 -20.19 -2.84
N ASN A 122 8.07 -20.88 -3.93
CA ASN A 122 6.80 -21.60 -4.02
C ASN A 122 6.85 -22.89 -3.19
N ILE A 123 6.88 -22.73 -1.87
CA ILE A 123 6.91 -23.87 -0.98
C ILE A 123 5.52 -24.51 -0.98
N SER A 124 5.46 -25.85 -0.97
CA SER A 124 4.19 -26.54 -1.01
C SER A 124 3.35 -26.36 0.26
N PRO A 125 2.05 -26.20 0.07
CA PRO A 125 1.15 -26.11 1.24
C PRO A 125 0.95 -27.48 1.90
N GLU A 126 1.55 -28.53 1.34
CA GLU A 126 1.45 -29.86 1.93
C GLU A 126 2.15 -29.92 3.28
N ILE A 127 2.98 -28.92 3.55
CA ILE A 127 3.66 -28.81 4.83
C ILE A 127 2.66 -28.78 5.99
N PHE A 128 1.41 -28.48 5.68
CA PHE A 128 0.35 -28.35 6.69
C PHE A 128 -0.48 -29.61 6.85
N SER A 129 -0.31 -30.57 5.95
CA SER A 129 -1.11 -31.80 5.98
C SER A 129 -1.03 -32.55 7.31
N LYS A 130 0.15 -32.51 7.94
CA LYS A 130 0.34 -33.21 9.21
C LYS A 130 -0.46 -32.57 10.34
N PHE A 131 -0.90 -31.32 10.16
CA PHE A 131 -1.70 -30.69 11.20
C PHE A 131 -3.20 -30.82 10.96
N GLN A 132 -3.59 -31.60 9.95
CA GLN A 132 -5.00 -31.72 9.60
C GLN A 132 -5.52 -33.14 9.66
N ASP A 133 -6.82 -33.29 9.81
CA ASP A 133 -7.45 -34.61 9.73
C ASP A 133 -7.71 -35.00 8.27
N GLU A 134 -8.44 -36.09 8.06
CA GLU A 134 -8.75 -36.56 6.71
C GLU A 134 -9.93 -35.80 6.16
N ASN A 135 -9.74 -34.51 5.91
CA ASN A 135 -10.86 -33.62 5.67
C ASN A 135 -10.34 -32.23 5.31
N GLY A 136 -9.07 -32.00 5.66
CA GLY A 136 -8.44 -30.70 5.43
C GLY A 136 -8.87 -29.71 6.48
N LYS A 137 -9.52 -30.23 7.53
CA LYS A 137 -9.86 -29.38 8.67
C LYS A 137 -8.78 -29.51 9.74
N PHE A 138 -8.25 -28.38 10.19
CA PHE A 138 -7.13 -28.38 11.14
C PHE A 138 -7.50 -29.12 12.41
N LYS A 139 -6.54 -29.91 12.93
CA LYS A 139 -6.74 -30.65 14.16
C LYS A 139 -7.07 -29.70 15.29
N GLU A 140 -8.21 -29.94 15.90
CA GLU A 140 -8.72 -29.10 16.94
C GLU A 140 -7.81 -29.15 18.19
N SER A 141 -7.01 -30.21 18.30
CA SER A 141 -6.08 -30.40 19.40
C SER A 141 -5.02 -29.32 19.45
N LEU A 142 -4.92 -28.55 18.37
CA LEU A 142 -3.93 -27.48 18.28
C LEU A 142 -4.46 -26.19 18.86
N ALA A 143 -5.69 -26.22 19.37
CA ALA A 143 -6.37 -24.98 19.75
C ALA A 143 -5.75 -24.32 20.98
N SER A 144 -4.80 -24.99 21.61
CA SER A 144 -4.20 -24.55 22.85
C SER A 144 -2.74 -24.18 22.60
N ASP A 145 -2.39 -23.96 21.35
CA ASP A 145 -1.02 -23.63 20.99
C ASP A 145 -1.03 -22.25 20.34
N VAL A 146 -1.01 -21.22 21.18
CA VAL A 146 -1.23 -19.84 20.76
C VAL A 146 -0.18 -19.39 19.75
N LEU A 147 1.09 -19.61 20.04
CA LEU A 147 2.12 -19.21 19.09
C LEU A 147 1.96 -19.89 17.73
N GLY A 148 1.60 -21.17 17.75
CA GLY A 148 1.29 -21.89 16.52
C GLY A 148 0.10 -21.28 15.80
N LEU A 149 -0.96 -20.98 16.55
CA LEU A 149 -2.14 -20.36 15.99
C LEU A 149 -1.80 -19.00 15.40
N LEU A 150 -1.02 -18.22 16.14
CA LEU A 150 -0.63 -16.88 15.71
C LEU A 150 0.08 -16.94 14.36
N ASN A 151 1.04 -17.86 14.20
CA ASN A 151 1.74 -17.96 12.93
C ASN A 151 0.89 -18.58 11.83
N LEU A 152 -0.06 -19.43 12.19
CA LEU A 152 -0.94 -20.00 11.18
C LEU A 152 -1.83 -18.89 10.64
N TYR A 153 -2.33 -18.04 11.54
CA TYR A 153 -3.13 -16.88 11.21
C TYR A 153 -2.43 -15.98 10.19
N GLU A 154 -1.20 -15.61 10.49
CA GLU A 154 -0.45 -14.73 9.60
C GLU A 154 -0.23 -15.41 8.24
N ALA A 155 0.13 -16.68 8.27
CA ALA A 155 0.42 -17.45 7.06
C ALA A 155 -0.82 -17.60 6.20
N SER A 156 -1.99 -17.62 6.83
CA SER A 156 -3.22 -17.84 6.08
C SER A 156 -3.50 -16.72 5.08
N HIS A 157 -2.81 -15.60 5.23
CA HIS A 157 -3.06 -14.45 4.37
C HIS A 157 -2.15 -14.41 3.14
N VAL A 158 -1.24 -15.37 3.01
CA VAL A 158 -0.44 -15.41 1.79
C VAL A 158 -0.91 -16.50 0.81
N ARG A 159 -2.16 -16.95 0.97
CA ARG A 159 -2.67 -18.01 0.09
C ARG A 159 -2.71 -17.57 -1.38
N THR A 160 -2.30 -18.46 -2.29
CA THR A 160 -2.64 -18.33 -3.72
C THR A 160 -3.86 -19.18 -4.06
N HIS A 161 -4.18 -19.31 -5.34
CA HIS A 161 -5.33 -20.14 -5.72
C HIS A 161 -5.04 -21.64 -5.54
N ALA A 162 -3.76 -21.99 -5.46
CA ALA A 162 -3.36 -23.38 -5.33
C ALA A 162 -3.31 -23.86 -3.89
N ASP A 163 -3.63 -22.98 -2.94
CA ASP A 163 -3.43 -23.32 -1.53
C ASP A 163 -4.72 -23.59 -0.81
N ASP A 164 -5.65 -24.25 -1.49
CA ASP A 164 -6.97 -24.52 -0.93
C ASP A 164 -6.88 -25.38 0.33
N ILE A 165 -5.75 -26.06 0.49
CA ILE A 165 -5.44 -26.76 1.73
C ILE A 165 -5.56 -25.86 2.98
N LEU A 166 -5.35 -24.55 2.79
CA LEU A 166 -5.36 -23.59 3.89
C LEU A 166 -6.70 -22.86 4.07
N GLU A 167 -7.72 -23.31 3.34
CA GLU A 167 -9.05 -22.72 3.36
C GLU A 167 -9.62 -22.58 4.77
N ASP A 168 -9.25 -23.49 5.66
CA ASP A 168 -9.77 -23.49 7.03
C ASP A 168 -8.92 -22.63 7.97
N ALA A 169 -7.68 -22.33 7.58
CA ALA A 169 -6.67 -21.78 8.50
C ALA A 169 -7.06 -20.44 9.16
N LEU A 170 -7.58 -19.51 8.37
CA LEU A 170 -7.97 -18.20 8.88
C LEU A 170 -9.05 -18.33 9.95
N ALA A 171 -10.10 -19.03 9.61
CA ALA A 171 -11.23 -19.21 10.51
C ALA A 171 -10.86 -19.95 11.79
N PHE A 172 -9.99 -20.96 11.66
CA PHE A 172 -9.60 -21.81 12.76
C PHE A 172 -8.72 -21.03 13.70
N SER A 173 -7.69 -20.40 13.14
CA SER A 173 -6.75 -19.62 13.92
C SER A 173 -7.48 -18.47 14.60
N THR A 174 -8.33 -17.78 13.85
CA THR A 174 -9.08 -16.64 14.38
C THR A 174 -9.86 -17.02 15.63
N ILE A 175 -10.73 -18.01 15.52
CA ILE A 175 -11.65 -18.29 16.60
C ILE A 175 -10.92 -18.65 17.90
N HIS A 176 -9.76 -19.26 17.78
CA HIS A 176 -9.04 -19.73 18.95
C HIS A 176 -8.10 -18.67 19.49
N LEU A 177 -7.52 -17.85 18.61
CA LEU A 177 -6.80 -16.67 19.05
C LEU A 177 -7.74 -15.74 19.83
N GLU A 178 -8.92 -15.48 19.28
CA GLU A 178 -9.90 -14.66 19.99
C GLU A 178 -10.21 -15.21 21.37
N SER A 179 -10.31 -16.52 21.46
CA SER A 179 -10.75 -17.15 22.69
C SER A 179 -9.64 -17.13 23.77
N ALA A 180 -8.40 -17.09 23.31
CA ALA A 180 -7.25 -17.13 24.20
C ALA A 180 -6.78 -15.73 24.63
N ALA A 181 -6.90 -14.74 23.73
CA ALA A 181 -6.33 -13.41 23.91
C ALA A 181 -6.47 -12.79 25.32
N PRO A 182 -7.69 -12.77 25.89
CA PRO A 182 -7.81 -12.06 27.17
C PRO A 182 -6.92 -12.58 28.31
N HIS A 183 -6.41 -13.80 28.19
CA HIS A 183 -5.68 -14.41 29.31
C HIS A 183 -4.21 -14.54 29.03
N LEU A 184 -3.79 -14.09 27.86
CA LEU A 184 -2.38 -14.05 27.52
C LEU A 184 -1.59 -12.99 28.31
N LYS A 185 -0.31 -13.27 28.51
CA LYS A 185 0.60 -12.33 29.13
C LYS A 185 0.93 -11.27 28.10
N SER A 186 1.49 -10.15 28.57
CA SER A 186 1.94 -9.09 27.69
C SER A 186 3.44 -9.21 27.44
N PRO A 187 3.89 -8.83 26.25
CA PRO A 187 3.11 -8.21 25.18
C PRO A 187 2.45 -9.17 24.19
N LEU A 188 2.37 -10.45 24.50
CA LEU A 188 1.84 -11.38 23.53
C LEU A 188 0.38 -11.04 23.26
N ARG A 189 -0.39 -10.76 24.32
CA ARG A 189 -1.81 -10.39 24.21
C ARG A 189 -2.01 -9.28 23.19
N GLU A 190 -1.17 -8.25 23.26
CA GLU A 190 -1.31 -7.07 22.40
C GLU A 190 -0.94 -7.42 20.98
N GLN A 191 0.01 -8.36 20.84
CA GLN A 191 0.48 -8.76 19.53
C GLN A 191 -0.62 -9.55 18.82
N VAL A 192 -1.38 -10.32 19.60
CA VAL A 192 -2.44 -11.15 19.06
C VAL A 192 -3.62 -10.28 18.65
N THR A 193 -4.06 -9.46 19.60
CA THR A 193 -5.16 -8.51 19.39
C THR A 193 -4.96 -7.65 18.13
N HIS A 194 -3.72 -7.24 17.91
CA HIS A 194 -3.38 -6.40 16.77
C HIS A 194 -3.32 -7.21 15.50
N ALA A 195 -2.90 -8.48 15.61
CA ALA A 195 -2.89 -9.33 14.42
C ALA A 195 -4.34 -9.54 13.99
N LEU A 196 -5.21 -9.81 14.95
CA LEU A 196 -6.61 -10.06 14.66
C LEU A 196 -7.24 -8.88 13.97
N GLU A 197 -6.73 -7.69 14.25
CA GLU A 197 -7.29 -6.49 13.64
C GLU A 197 -6.57 -6.12 12.34
N GLN A 198 -5.31 -6.52 12.22
CA GLN A 198 -4.47 -6.17 11.07
C GLN A 198 -3.33 -7.17 10.89
N CYS A 199 -3.51 -8.09 9.96
CA CYS A 199 -2.53 -9.12 9.69
C CYS A 199 -1.28 -8.46 9.17
N LEU A 200 -0.15 -9.13 9.25
CA LEU A 200 1.11 -8.52 8.87
C LEU A 200 1.22 -8.34 7.36
N HIS A 201 0.89 -9.40 6.62
CA HIS A 201 1.12 -9.44 5.17
C HIS A 201 0.38 -8.36 4.37
N LYS A 202 -0.80 -7.95 4.83
CA LYS A 202 -1.60 -6.94 4.12
C LYS A 202 -1.56 -5.55 4.75
N GLY A 203 -0.69 -5.36 5.75
CA GLY A 203 -0.52 -4.07 6.39
C GLY A 203 0.56 -3.22 5.74
N VAL A 204 0.61 -1.93 6.09
CA VAL A 204 1.64 -1.06 5.54
C VAL A 204 2.91 -1.31 6.36
N PRO A 205 4.04 -1.59 5.70
CA PRO A 205 5.26 -1.98 6.42
C PRO A 205 5.71 -0.99 7.52
N ARG A 206 5.86 0.30 7.21
CA ARG A 206 6.28 1.25 8.24
C ARG A 206 5.26 1.30 9.38
N VAL A 207 3.97 1.18 9.06
CA VAL A 207 2.95 1.21 10.11
C VAL A 207 3.13 0.03 11.06
N GLU A 208 3.31 -1.15 10.51
CA GLU A 208 3.42 -2.35 11.33
C GLU A 208 4.71 -2.36 12.12
N THR A 209 5.79 -1.92 11.48
CA THR A 209 7.09 -1.78 12.11
C THR A 209 7.08 -0.86 13.35
N ARG A 210 6.51 0.33 13.20
CA ARG A 210 6.38 1.26 14.30
C ARG A 210 5.66 0.60 15.48
N PHE A 211 4.60 -0.13 15.18
CA PHE A 211 3.83 -0.82 16.22
C PHE A 211 4.67 -1.94 16.84
N PHE A 212 5.39 -2.69 16.00
CA PHE A 212 6.19 -3.81 16.50
C PHE A 212 7.30 -3.31 17.42
N ILE A 213 8.14 -2.41 16.92
CA ILE A 213 9.22 -1.83 17.72
C ILE A 213 8.73 -1.28 19.06
N SER A 214 7.71 -0.44 19.04
CA SER A 214 7.28 0.27 20.26
C SER A 214 6.38 -0.53 21.17
N SER A 215 5.36 -1.18 20.62
CA SER A 215 4.34 -1.79 21.46
C SER A 215 4.67 -3.23 21.80
N ILE A 216 5.48 -3.89 20.97
CA ILE A 216 5.72 -5.30 21.23
C ILE A 216 7.18 -5.61 21.58
N TYR A 217 8.11 -5.43 20.64
CA TYR A 217 9.48 -5.91 20.83
C TYR A 217 10.16 -5.21 21.99
N ASP A 218 9.91 -3.91 22.12
CA ASP A 218 10.47 -3.13 23.20
C ASP A 218 9.95 -3.61 24.53
N LYS A 219 8.87 -4.38 24.53
CA LYS A 219 8.26 -4.83 25.79
C LYS A 219 8.38 -6.32 26.00
N GLU A 220 9.18 -7.00 25.18
CA GLU A 220 9.40 -8.44 25.34
C GLU A 220 10.41 -8.70 26.45
N GLN A 221 10.18 -9.73 27.24
CA GLN A 221 11.16 -10.12 28.26
C GLN A 221 12.47 -10.59 27.62
N SER A 222 12.34 -11.15 26.42
CA SER A 222 13.43 -11.88 25.76
C SER A 222 14.17 -11.10 24.68
N LYS A 223 13.73 -9.88 24.39
CA LYS A 223 14.23 -9.12 23.26
C LYS A 223 15.74 -9.08 23.15
N ASN A 224 16.24 -9.11 21.93
CA ASN A 224 17.64 -8.84 21.70
C ASN A 224 17.93 -7.32 21.71
N ASN A 225 18.79 -6.87 22.61
CA ASN A 225 19.01 -5.44 22.82
C ASN A 225 19.69 -4.76 21.65
N VAL A 226 20.56 -5.49 20.96
CA VAL A 226 21.22 -4.95 19.79
C VAL A 226 20.17 -4.72 18.66
N LEU A 227 19.32 -5.71 18.40
CA LEU A 227 18.29 -5.54 17.38
C LEU A 227 17.33 -4.42 17.74
N LEU A 228 16.93 -4.34 19.01
CA LEU A 228 15.97 -3.32 19.41
C LEU A 228 16.54 -1.93 19.12
N ARG A 229 17.79 -1.75 19.49
CA ARG A 229 18.44 -0.47 19.41
C ARG A 229 18.64 -0.09 17.96
N PHE A 230 19.19 -1.02 17.21
CA PHE A 230 19.30 -0.93 15.77
C PHE A 230 17.98 -0.44 15.20
N ALA A 231 16.88 -1.11 15.53
CA ALA A 231 15.62 -0.79 14.88
C ALA A 231 15.16 0.59 15.27
N LYS A 232 15.33 0.96 16.54
CA LYS A 232 14.90 2.28 16.98
C LYS A 232 15.67 3.37 16.25
N LEU A 233 16.99 3.20 16.15
CA LEU A 233 17.81 4.23 15.54
C LEU A 233 17.51 4.37 14.04
N ASP A 234 17.36 3.23 13.36
CA ASP A 234 17.14 3.22 11.92
C ASP A 234 15.82 3.89 11.59
N PHE A 235 14.76 3.50 12.29
CA PHE A 235 13.46 4.12 12.12
C PHE A 235 13.48 5.63 12.35
N ASN A 236 14.20 6.11 13.36
CA ASN A 236 14.23 7.53 13.63
C ASN A 236 15.09 8.26 12.60
N LEU A 237 16.08 7.55 12.05
CA LEU A 237 16.95 8.15 11.05
C LEU A 237 16.21 8.35 9.72
N LEU A 238 15.56 7.30 9.23
CA LEU A 238 14.76 7.39 8.02
C LEU A 238 13.65 8.41 8.20
N GLN A 239 13.07 8.46 9.40
CA GLN A 239 12.00 9.41 9.66
C GLN A 239 12.50 10.86 9.41
N MET A 240 13.76 11.15 9.73
CA MET A 240 14.33 12.46 9.44
C MET A 240 14.32 12.70 7.93
N LEU A 241 14.62 11.66 7.15
CA LEU A 241 14.59 11.79 5.70
C LEU A 241 13.17 12.08 5.23
N HIS A 242 12.24 11.25 5.71
CA HIS A 242 10.83 11.40 5.37
C HIS A 242 10.33 12.82 5.65
N LYS A 243 10.72 13.37 6.80
CA LYS A 243 10.29 14.71 7.21
C LYS A 243 10.81 15.80 6.27
N GLN A 244 12.07 15.66 5.84
CA GLN A 244 12.64 16.53 4.83
C GLN A 244 11.83 16.46 3.55
N GLU A 245 11.55 15.23 3.14
CA GLU A 245 10.79 14.99 1.94
C GLU A 245 9.43 15.68 2.02
N LEU A 246 8.76 15.50 3.14
CA LEU A 246 7.43 16.08 3.31
C LEU A 246 7.48 17.63 3.35
N ALA A 247 8.56 18.17 3.88
CA ALA A 247 8.73 19.62 4.00
C ALA A 247 8.85 20.19 2.62
N GLN A 248 9.71 19.56 1.83
CA GLN A 248 9.94 19.96 0.45
C GLN A 248 8.65 19.90 -0.38
N VAL A 249 7.89 18.82 -0.21
CA VAL A 249 6.63 18.64 -0.92
C VAL A 249 5.57 19.61 -0.39
N SER A 250 5.55 19.84 0.92
CA SER A 250 4.62 20.82 1.50
C SER A 250 4.85 22.22 0.94
N ARG A 251 6.11 22.57 0.71
CA ARG A 251 6.47 23.87 0.18
C ARG A 251 5.98 23.95 -1.26
N TRP A 252 6.23 22.89 -2.00
CA TRP A 252 5.77 22.78 -3.38
C TRP A 252 4.25 22.95 -3.49
N TRP A 253 3.51 22.29 -2.60
CA TRP A 253 2.04 22.36 -2.58
C TRP A 253 1.53 23.74 -2.17
N LYS A 254 2.33 24.42 -1.35
CA LYS A 254 1.95 25.73 -0.85
C LYS A 254 2.15 26.78 -1.94
N ASP A 255 3.21 26.62 -2.73
CA ASP A 255 3.49 27.52 -3.85
C ASP A 255 2.55 27.21 -5.02
N LEU A 256 1.68 26.24 -4.83
CA LEU A 256 0.62 25.96 -5.79
C LEU A 256 -0.66 26.62 -5.33
N ASP A 257 -0.86 26.64 -4.01
CA ASP A 257 -1.97 27.38 -3.39
C ASP A 257 -3.34 26.94 -3.90
N PHE A 258 -3.50 25.66 -4.23
CA PHE A 258 -4.80 25.11 -4.62
C PHE A 258 -5.78 25.18 -3.46
N VAL A 259 -5.24 25.41 -2.28
CA VAL A 259 -6.02 25.57 -1.07
C VAL A 259 -6.97 26.75 -1.15
N THR A 260 -6.53 27.79 -1.88
CA THR A 260 -7.36 28.98 -2.06
C THR A 260 -7.90 29.10 -3.49
N THR A 261 -7.08 28.79 -4.49
CA THR A 261 -7.50 28.94 -5.88
C THR A 261 -8.41 27.80 -6.33
N LEU A 262 -8.22 26.61 -5.78
CA LEU A 262 -9.12 25.50 -6.10
C LEU A 262 -9.75 24.92 -4.83
N PRO A 263 -10.57 25.73 -4.13
CA PRO A 263 -11.06 25.41 -2.79
C PRO A 263 -12.03 24.23 -2.77
N TYR A 264 -12.59 23.89 -3.93
CA TYR A 264 -13.56 22.81 -4.04
C TYR A 264 -12.93 21.45 -3.80
N ALA A 265 -11.61 21.41 -3.90
CA ALA A 265 -10.90 20.14 -3.86
C ALA A 265 -10.40 19.80 -2.47
N ARG A 266 -10.17 18.51 -2.27
CA ARG A 266 -9.61 17.98 -1.06
C ARG A 266 -8.16 18.43 -0.90
N ASP A 267 -7.82 18.94 0.28
CA ASP A 267 -6.47 19.37 0.58
C ASP A 267 -5.73 18.31 1.39
N ARG A 268 -5.14 17.34 0.72
CA ARG A 268 -4.59 16.15 1.38
C ARG A 268 -3.20 15.77 0.94
N VAL A 269 -2.27 16.71 0.88
CA VAL A 269 -0.95 16.39 0.37
C VAL A 269 -0.17 15.58 1.41
N VAL A 270 -0.45 15.81 2.70
CA VAL A 270 0.21 15.02 3.72
C VAL A 270 -0.22 13.55 3.59
N GLU A 271 -1.52 13.34 3.42
CA GLU A 271 -2.04 11.99 3.24
C GLU A 271 -1.49 11.37 1.95
N CYS A 272 -1.27 12.20 0.93
CA CYS A 272 -0.66 11.72 -0.31
C CYS A 272 0.77 11.30 -0.06
N TYR A 273 1.47 12.02 0.81
CA TYR A 273 2.83 11.63 1.13
C TYR A 273 2.83 10.31 1.89
N PHE A 274 1.89 10.18 2.84
CA PHE A 274 1.70 8.91 3.53
C PHE A 274 1.55 7.77 2.51
N TRP A 275 0.77 8.01 1.46
CA TRP A 275 0.55 7.03 0.41
CA TRP A 275 0.55 7.00 0.44
C TRP A 275 1.84 6.67 -0.30
N ALA A 276 2.64 7.68 -0.62
CA ALA A 276 3.90 7.40 -1.32
C ALA A 276 4.88 6.71 -0.37
N LEU A 277 4.79 7.02 0.91
CA LEU A 277 5.70 6.43 1.90
C LEU A 277 5.41 4.93 2.02
N GLY A 278 4.13 4.59 1.95
CA GLY A 278 3.68 3.20 1.93
C GLY A 278 4.14 2.39 0.73
N VAL A 279 4.36 3.05 -0.40
CA VAL A 279 4.79 2.34 -1.60
C VAL A 279 6.27 1.97 -1.47
N TYR A 280 7.06 2.90 -0.95
CA TYR A 280 8.43 2.56 -0.55
C TYR A 280 8.96 3.53 0.48
N PHE A 281 9.71 3.03 1.47
CA PHE A 281 10.23 3.88 2.54
C PHE A 281 11.76 4.00 2.55
N GLU A 282 12.42 3.08 1.86
CA GLU A 282 13.89 3.03 1.87
C GLU A 282 14.50 4.32 1.33
N PRO A 283 15.70 4.67 1.83
CA PRO A 283 16.33 5.90 1.38
C PRO A 283 16.57 5.95 -0.12
N GLN A 284 16.89 4.81 -0.74
CA GLN A 284 17.22 4.80 -2.18
C GLN A 284 16.03 5.24 -3.04
N TYR A 285 14.83 5.26 -2.46
CA TYR A 285 13.62 5.59 -3.21
C TYR A 285 13.13 7.01 -2.93
N SER A 286 14.03 7.87 -2.47
CA SER A 286 13.64 9.23 -2.08
C SER A 286 13.09 10.05 -3.25
N GLN A 287 13.81 10.08 -4.37
CA GLN A 287 13.34 10.81 -5.53
C GLN A 287 12.03 10.21 -6.03
N ALA A 288 11.90 8.90 -5.93
CA ALA A 288 10.69 8.24 -6.39
C ALA A 288 9.48 8.63 -5.54
N ARG A 289 9.67 8.70 -4.22
CA ARG A 289 8.58 9.18 -3.34
C ARG A 289 8.15 10.61 -3.68
N VAL A 290 9.11 11.48 -3.90
CA VAL A 290 8.81 12.89 -4.13
C VAL A 290 8.08 13.05 -5.46
N MET A 291 8.61 12.44 -6.52
CA MET A 291 7.90 12.36 -7.79
C MET A 291 6.50 11.76 -7.60
N LEU A 292 6.40 10.60 -6.95
CA LEU A 292 5.11 9.95 -6.82
C LEU A 292 4.07 10.79 -6.11
N VAL A 293 4.42 11.33 -4.94
CA VAL A 293 3.44 12.07 -4.14
C VAL A 293 2.90 13.31 -4.88
N LYS A 294 3.75 13.94 -5.69
CA LYS A 294 3.29 15.09 -6.49
C LYS A 294 2.18 14.66 -7.42
N THR A 295 2.38 13.53 -8.09
CA THR A 295 1.41 12.97 -9.02
C THR A 295 0.12 12.57 -8.31
N ILE A 296 0.25 11.87 -7.19
CA ILE A 296 -0.92 11.49 -6.41
C ILE A 296 -1.75 12.73 -6.06
N SER A 297 -1.05 13.74 -5.58
CA SER A 297 -1.69 14.95 -5.16
C SER A 297 -2.43 15.60 -6.33
N MET A 298 -1.76 15.65 -7.48
CA MET A 298 -2.33 16.32 -8.63
C MET A 298 -3.54 15.57 -9.19
N ILE A 299 -3.47 14.24 -9.27
CA ILE A 299 -4.58 13.48 -9.82
C ILE A 299 -5.77 13.54 -8.85
N SER A 300 -5.48 13.74 -7.57
CA SER A 300 -6.56 13.92 -6.60
C SER A 300 -7.38 15.17 -6.93
N ILE A 301 -6.70 16.21 -7.43
CA ILE A 301 -7.36 17.45 -7.83
C ILE A 301 -8.25 17.22 -9.05
N VAL A 302 -7.69 16.55 -10.04
CA VAL A 302 -8.42 16.20 -11.24
C VAL A 302 -9.68 15.42 -10.87
N ASP A 303 -9.52 14.43 -9.99
CA ASP A 303 -10.66 13.64 -9.52
C ASP A 303 -11.75 14.50 -8.91
N ASP A 304 -11.37 15.50 -8.13
CA ASP A 304 -12.36 16.31 -7.43
C ASP A 304 -13.06 17.27 -8.41
N THR A 305 -12.34 17.68 -9.45
CA THR A 305 -12.89 18.55 -10.47
C THR A 305 -14.00 17.86 -11.28
N PHE A 306 -13.78 16.62 -11.68
CA PHE A 306 -14.81 15.81 -12.29
C PHE A 306 -15.95 15.55 -11.30
N ASP A 307 -15.56 15.12 -10.10
CA ASP A 307 -16.46 14.53 -9.11
C ASP A 307 -17.28 15.53 -8.29
N ALA A 308 -16.90 16.80 -8.28
CA ALA A 308 -17.54 17.72 -7.35
C ALA A 308 -17.56 19.20 -7.74
N TYR A 309 -17.41 19.51 -9.03
CA TYR A 309 -17.34 20.92 -9.39
C TYR A 309 -17.67 21.27 -10.86
N GLY A 310 -17.00 20.60 -11.78
CA GLY A 310 -17.10 20.96 -13.18
C GLY A 310 -18.32 20.43 -13.92
N THR A 311 -18.93 21.30 -14.71
CA THR A 311 -20.05 20.94 -15.58
C THR A 311 -19.62 19.99 -16.69
N VAL A 312 -20.54 19.23 -17.25
CA VAL A 312 -20.19 18.24 -18.27
C VAL A 312 -19.49 18.90 -19.47
N LYS A 313 -20.04 20.03 -19.90
CA LYS A 313 -19.42 20.83 -20.95
C LYS A 313 -17.96 21.15 -20.59
N GLU A 314 -17.75 21.56 -19.33
CA GLU A 314 -16.40 21.88 -18.85
C GLU A 314 -15.46 20.68 -18.81
N LEU A 315 -16.00 19.50 -18.52
CA LEU A 315 -15.14 18.34 -18.36
C LEU A 315 -14.76 17.78 -19.73
N GLU A 316 -15.54 18.15 -20.74
CA GLU A 316 -15.24 17.75 -22.10
C GLU A 316 -13.98 18.46 -22.57
N ALA A 317 -13.98 19.78 -22.46
CA ALA A 317 -12.83 20.56 -22.89
C ALA A 317 -11.60 20.12 -22.12
N TYR A 318 -11.79 19.88 -20.83
CA TYR A 318 -10.71 19.39 -19.99
C TYR A 318 -10.14 18.06 -20.49
N THR A 319 -11.01 17.10 -20.79
CA THR A 319 -10.59 15.77 -21.22
C THR A 319 -9.87 15.82 -22.55
N ASP A 320 -10.39 16.63 -23.47
CA ASP A 320 -9.78 16.73 -24.79
C ASP A 320 -8.41 17.39 -24.68
N ALA A 321 -8.31 18.40 -23.81
CA ALA A 321 -7.07 19.13 -23.67
C ALA A 321 -6.00 18.21 -23.07
N ILE A 322 -6.39 17.42 -22.07
CA ILE A 322 -5.46 16.40 -21.55
C ILE A 322 -4.98 15.47 -22.66
N GLN A 323 -5.90 15.03 -23.52
CA GLN A 323 -5.52 14.14 -24.63
C GLN A 323 -4.52 14.78 -25.58
N ARG A 324 -4.78 16.03 -25.96
CA ARG A 324 -3.92 16.74 -26.91
C ARG A 324 -2.60 17.14 -26.28
N TRP A 325 -2.63 17.39 -24.97
CA TRP A 325 -1.44 17.60 -24.15
C TRP A 325 -0.52 18.64 -24.77
N ASP A 326 -0.85 19.90 -24.52
CA ASP A 326 -0.25 21.03 -25.22
C ASP A 326 -0.84 22.32 -24.67
N ILE A 327 0.02 23.22 -24.22
CA ILE A 327 -0.41 24.42 -23.53
C ILE A 327 -1.32 25.36 -24.38
N ASN A 328 -1.27 25.25 -25.71
CA ASN A 328 -2.16 26.03 -26.58
C ASN A 328 -3.65 25.83 -26.29
N GLU A 329 -3.94 24.83 -25.46
CA GLU A 329 -5.31 24.43 -25.21
C GLU A 329 -5.89 25.14 -23.98
N ILE A 330 -5.05 25.80 -23.20
CA ILE A 330 -5.50 26.44 -21.96
C ILE A 330 -6.62 27.46 -22.21
N ASP A 331 -6.52 28.21 -23.32
CA ASP A 331 -7.47 29.27 -23.64
C ASP A 331 -8.87 28.70 -23.88
N ARG A 332 -8.93 27.42 -24.21
CA ARG A 332 -10.18 26.70 -24.44
C ARG A 332 -10.85 26.35 -23.13
N LEU A 333 -10.10 26.46 -22.03
CA LEU A 333 -10.55 26.01 -20.71
C LEU A 333 -11.02 27.16 -19.82
N PRO A 334 -11.98 26.87 -18.92
CA PRO A 334 -12.37 27.84 -17.89
C PRO A 334 -11.17 28.20 -17.03
N ASP A 335 -11.15 29.41 -16.50
CA ASP A 335 -9.97 29.92 -15.81
C ASP A 335 -9.46 29.03 -14.69
N TYR A 336 -10.35 28.47 -13.89
CA TYR A 336 -9.93 27.64 -12.77
C TYR A 336 -9.34 26.32 -13.26
N MET A 337 -9.72 25.93 -14.48
CA MET A 337 -9.20 24.72 -15.09
C MET A 337 -7.84 24.94 -15.73
N LYS A 338 -7.51 26.20 -16.02
CA LYS A 338 -6.17 26.51 -16.49
C LYS A 338 -5.16 26.35 -15.36
N ILE A 339 -5.62 26.57 -14.14
CA ILE A 339 -4.77 26.41 -12.96
C ILE A 339 -4.28 24.98 -12.85
N SER A 340 -5.21 24.03 -12.88
CA SER A 340 -4.84 22.63 -12.75
C SER A 340 -4.16 22.11 -14.02
N TYR A 341 -4.52 22.65 -15.17
CA TYR A 341 -4.00 22.12 -16.42
C TYR A 341 -2.53 22.49 -16.62
N LYS A 342 -2.17 23.73 -16.36
CA LYS A 342 -0.79 24.16 -16.56
C LYS A 342 0.09 23.52 -15.51
N ALA A 343 -0.47 23.33 -14.33
CA ALA A 343 0.27 22.67 -13.27
C ALA A 343 0.59 21.22 -13.67
N ILE A 344 -0.34 20.57 -14.37
CA ILE A 344 -0.13 19.19 -14.81
C ILE A 344 0.99 19.15 -15.84
N LEU A 345 0.90 19.99 -16.87
CA LEU A 345 1.90 20.00 -17.92
C LEU A 345 3.28 20.37 -17.37
N ASP A 346 3.28 21.33 -16.45
CA ASP A 346 4.50 21.77 -15.77
C ASP A 346 5.17 20.65 -14.99
N LEU A 347 4.35 19.90 -14.26
CA LEU A 347 4.85 18.81 -13.44
C LEU A 347 5.63 17.81 -14.28
N TYR A 348 5.16 17.53 -15.50
CA TYR A 348 5.81 16.52 -16.30
C TYR A 348 7.07 17.04 -16.97
N LYS A 349 7.11 18.34 -17.29
CA LYS A 349 8.35 18.94 -17.74
C LYS A 349 9.35 18.98 -16.58
N ASP A 350 8.85 19.12 -15.35
CA ASP A 350 9.71 19.00 -14.17
C ASP A 350 10.37 17.62 -14.12
N TYR A 351 9.55 16.58 -14.22
CA TYR A 351 10.03 15.21 -14.21
C TYR A 351 11.08 14.99 -15.29
N GLU A 352 10.76 15.44 -16.51
CA GLU A 352 11.64 15.27 -17.65
C GLU A 352 13.02 15.83 -17.35
N LYS A 353 13.04 16.96 -16.66
CA LYS A 353 14.28 17.65 -16.28
C LYS A 353 14.97 16.98 -15.09
N GLU A 354 14.18 16.59 -14.09
CA GLU A 354 14.70 15.91 -12.92
C GLU A 354 15.38 14.60 -13.33
N LEU A 355 14.86 13.98 -14.38
CA LEU A 355 15.41 12.73 -14.92
C LEU A 355 16.45 12.97 -16.02
N SER A 356 16.62 14.24 -16.42
CA SER A 356 17.44 14.59 -17.58
C SER A 356 18.90 14.18 -17.46
N SER A 357 19.43 14.25 -16.24
CA SER A 357 20.85 13.95 -16.00
C SER A 357 21.17 12.46 -16.18
N ALA A 358 20.23 11.60 -15.79
CA ALA A 358 20.43 10.16 -15.96
C ALA A 358 19.88 9.66 -17.30
N GLY A 359 19.57 10.60 -18.19
CA GLY A 359 19.11 10.27 -19.53
C GLY A 359 17.81 9.49 -19.61
N ARG A 360 17.12 9.34 -18.49
CA ARG A 360 15.87 8.60 -18.41
C ARG A 360 14.64 9.47 -18.64
N SER A 361 14.81 10.56 -19.39
CA SER A 361 13.72 11.53 -19.60
C SER A 361 12.55 10.93 -20.38
N HIS A 362 12.87 10.12 -21.38
CA HIS A 362 11.87 9.54 -22.27
C HIS A 362 10.75 8.80 -21.54
N ILE A 363 11.09 8.10 -20.46
CA ILE A 363 10.14 7.21 -19.79
C ILE A 363 8.94 7.92 -19.16
N VAL A 364 9.01 9.25 -19.12
CA VAL A 364 7.91 10.02 -18.56
C VAL A 364 6.62 9.81 -19.35
N CYS A 365 6.74 9.61 -20.67
CA CYS A 365 5.56 9.48 -21.51
C CYS A 365 4.71 8.24 -21.16
N HIS A 366 5.26 7.28 -20.42
CA HIS A 366 4.48 6.14 -19.94
C HIS A 366 3.46 6.58 -18.90
N ALA A 367 3.87 7.43 -17.96
CA ALA A 367 2.94 7.92 -16.96
C ALA A 367 1.95 8.90 -17.58
N ILE A 368 2.44 9.66 -18.55
CA ILE A 368 1.60 10.65 -19.22
C ILE A 368 0.44 9.93 -19.88
N GLU A 369 0.75 8.87 -20.63
CA GLU A 369 -0.27 8.12 -21.34
C GLU A 369 -1.28 7.51 -20.39
N ARG A 370 -0.83 7.10 -19.21
CA ARG A 370 -1.72 6.51 -18.22
C ARG A 370 -2.61 7.54 -17.56
N MET A 371 -2.13 8.78 -17.51
CA MET A 371 -2.95 9.83 -16.94
C MET A 371 -4.04 10.22 -17.93
N LYS A 372 -3.67 10.32 -19.20
CA LYS A 372 -4.65 10.51 -20.27
C LYS A 372 -5.78 9.48 -20.13
N GLU A 373 -5.40 8.21 -19.98
CA GLU A 373 -6.35 7.12 -19.81
C GLU A 373 -7.27 7.30 -18.58
N VAL A 374 -6.69 7.70 -17.45
CA VAL A 374 -7.48 7.97 -16.26
C VAL A 374 -8.53 9.04 -16.55
N VAL A 375 -8.06 10.12 -17.18
CA VAL A 375 -8.88 11.26 -17.46
C VAL A 375 -10.02 10.89 -18.41
N ARG A 376 -9.72 10.09 -19.43
CA ARG A 376 -10.73 9.61 -20.35
C ARG A 376 -11.88 8.94 -19.60
N ASN A 377 -11.55 8.15 -18.58
CA ASN A 377 -12.57 7.41 -17.88
C ASN A 377 -13.27 8.21 -16.79
N TYR A 378 -12.59 9.23 -16.25
CA TYR A 378 -13.27 10.23 -15.43
C TYR A 378 -14.43 10.86 -16.22
N ASN A 379 -14.19 11.15 -17.48
CA ASN A 379 -15.20 11.82 -18.30
C ASN A 379 -16.35 10.88 -18.66
N VAL A 380 -16.04 9.62 -18.90
CA VAL A 380 -17.08 8.62 -19.14
C VAL A 380 -17.99 8.50 -17.94
N GLU A 381 -17.36 8.19 -16.81
CA GLU A 381 -17.98 8.20 -15.49
C GLU A 381 -18.92 9.39 -15.28
N SER A 382 -18.42 10.58 -15.60
CA SER A 382 -19.23 11.78 -15.52
C SER A 382 -20.44 11.69 -16.44
N THR A 383 -20.24 11.22 -17.67
CA THR A 383 -21.35 11.15 -18.62
C THR A 383 -22.42 10.19 -18.13
N TRP A 384 -22.00 9.10 -17.51
CA TRP A 384 -22.96 8.14 -16.98
C TRP A 384 -23.84 8.77 -15.90
N PHE A 385 -23.22 9.47 -14.95
CA PHE A 385 -23.92 10.17 -13.88
C PHE A 385 -24.92 11.22 -14.39
N ILE A 386 -24.50 12.03 -15.36
CA ILE A 386 -25.40 13.03 -15.93
C ILE A 386 -26.60 12.36 -16.60
N GLU A 387 -26.34 11.33 -17.39
CA GLU A 387 -27.40 10.61 -18.11
C GLU A 387 -28.17 9.67 -17.19
N GLY A 388 -27.59 9.37 -16.03
CA GLY A 388 -28.25 8.49 -15.08
C GLY A 388 -28.12 7.04 -15.48
N TYR A 389 -27.05 6.76 -16.20
CA TYR A 389 -26.83 5.43 -16.75
C TYR A 389 -26.32 4.49 -15.68
N THR A 390 -26.92 3.33 -15.61
CA THR A 390 -26.45 2.24 -14.73
C THR A 390 -25.93 1.10 -15.59
N PRO A 391 -24.62 1.12 -15.91
CA PRO A 391 -24.10 0.09 -16.81
C PRO A 391 -24.18 -1.32 -16.20
N PRO A 392 -24.11 -2.36 -17.04
CA PRO A 392 -23.84 -3.70 -16.56
C PRO A 392 -22.50 -3.74 -15.84
N VAL A 393 -22.32 -4.64 -14.87
CA VAL A 393 -21.08 -4.66 -14.09
C VAL A 393 -19.84 -4.83 -14.98
N SER A 394 -19.93 -5.63 -16.03
CA SER A 394 -18.79 -5.80 -16.89
C SER A 394 -18.37 -4.44 -17.43
N GLU A 395 -19.33 -3.75 -18.06
CA GLU A 395 -19.07 -2.44 -18.63
C GLU A 395 -18.59 -1.44 -17.56
N TYR A 396 -19.20 -1.48 -16.39
CA TYR A 396 -18.81 -0.58 -15.31
C TYR A 396 -17.34 -0.77 -14.92
N LEU A 397 -16.91 -2.01 -14.76
CA LEU A 397 -15.54 -2.31 -14.42
C LEU A 397 -14.57 -1.89 -15.51
N SER A 398 -14.91 -2.17 -16.76
CA SER A 398 -14.03 -1.82 -17.86
C SER A 398 -13.72 -0.31 -17.87
N ASN A 399 -14.56 0.48 -17.23
CA ASN A 399 -14.28 1.90 -17.10
C ASN A 399 -13.72 2.27 -15.72
N ALA A 400 -14.27 1.65 -14.68
CA ALA A 400 -14.00 2.05 -13.31
C ALA A 400 -12.68 1.52 -12.75
N LEU A 401 -12.03 0.62 -13.48
CA LEU A 401 -10.74 0.13 -13.00
C LEU A 401 -9.68 1.22 -13.12
N ALA A 402 -9.68 1.94 -14.24
CA ALA A 402 -8.67 2.95 -14.46
C ALA A 402 -8.90 4.13 -13.52
N THR A 403 -10.17 4.45 -13.27
CA THR A 403 -10.48 5.57 -12.37
C THR A 403 -9.98 5.40 -10.92
N THR A 404 -9.52 4.20 -10.56
CA THR A 404 -8.82 4.02 -9.28
C THR A 404 -7.53 4.82 -9.26
N THR A 405 -7.06 5.17 -10.46
CA THR A 405 -5.77 5.81 -10.70
C THR A 405 -4.63 4.82 -10.49
N TYR A 406 -4.95 3.55 -10.22
CA TYR A 406 -3.88 2.65 -9.77
C TYR A 406 -2.98 2.14 -10.89
N TYR A 407 -3.48 1.97 -12.11
CA TYR A 407 -2.57 1.67 -13.21
C TYR A 407 -1.54 2.80 -13.30
N TYR A 408 -2.05 3.99 -13.07
CA TYR A 408 -1.33 5.23 -13.27
C TYR A 408 -0.26 5.45 -12.18
N LEU A 409 -0.66 5.29 -10.91
CA LEU A 409 0.28 5.43 -9.79
C LEU A 409 1.38 4.38 -9.83
N ALA A 410 1.01 3.13 -10.05
CA ALA A 410 1.99 2.07 -10.29
C ALA A 410 3.04 2.50 -11.32
N THR A 411 2.59 2.96 -12.48
CA THR A 411 3.51 3.42 -13.52
C THR A 411 4.38 4.57 -13.04
N THR A 412 3.77 5.50 -12.32
CA THR A 412 4.48 6.64 -11.76
C THR A 412 5.58 6.21 -10.80
N SER A 413 5.25 5.26 -9.93
CA SER A 413 6.17 4.76 -8.92
C SER A 413 7.50 4.26 -9.48
N TYR A 414 7.51 3.88 -10.75
CA TYR A 414 8.74 3.45 -11.41
C TYR A 414 9.61 4.62 -11.87
N LEU A 415 8.99 5.78 -12.08
CA LEU A 415 9.71 6.91 -12.66
C LEU A 415 10.97 7.25 -11.86
N GLY A 416 10.85 7.24 -10.54
CA GLY A 416 11.96 7.63 -9.70
C GLY A 416 12.90 6.52 -9.30
N MET A 417 12.67 5.31 -9.80
CA MET A 417 13.54 4.20 -9.47
C MET A 417 14.64 4.09 -10.51
N LYS A 418 15.85 4.46 -10.11
CA LYS A 418 17.03 4.42 -10.97
C LYS A 418 17.14 3.16 -11.85
N SER A 419 16.77 2.00 -11.30
CA SER A 419 16.96 0.72 -11.97
C SER A 419 15.87 0.29 -12.97
N ALA A 420 14.83 1.11 -13.09
CA ALA A 420 13.70 0.76 -13.96
C ALA A 420 14.02 0.95 -15.45
N THR A 421 14.06 -0.17 -16.16
CA THR A 421 14.34 -0.18 -17.60
C THR A 421 13.06 -0.02 -18.41
N GLU A 422 13.21 0.14 -19.72
CA GLU A 422 12.06 0.29 -20.59
C GLU A 422 11.25 -0.99 -20.65
N GLN A 423 11.94 -2.13 -20.53
CA GLN A 423 11.29 -3.43 -20.55
C GLN A 423 10.37 -3.59 -19.35
N ASP A 424 10.67 -2.84 -18.28
CA ASP A 424 9.82 -2.91 -17.09
C ASP A 424 8.51 -2.20 -17.38
N PHE A 425 8.59 -1.01 -17.98
CA PHE A 425 7.38 -0.25 -18.32
C PHE A 425 6.57 -1.00 -19.36
N GLU A 426 7.28 -1.65 -20.29
CA GLU A 426 6.64 -2.46 -21.31
C GLU A 426 5.81 -3.54 -20.65
N TRP A 427 6.37 -4.19 -19.64
CA TRP A 427 5.63 -5.20 -18.91
C TRP A 427 4.42 -4.58 -18.21
N LEU A 428 4.65 -3.46 -17.52
CA LEU A 428 3.58 -2.82 -16.78
C LEU A 428 2.46 -2.31 -17.69
N SER A 429 2.79 -1.98 -18.92
CA SER A 429 1.79 -1.48 -19.85
C SER A 429 0.82 -2.57 -20.32
N LYS A 430 1.28 -3.83 -20.34
CA LYS A 430 0.45 -4.95 -20.77
C LYS A 430 -0.53 -5.41 -19.69
N ASN A 431 -0.77 -4.52 -18.72
CA ASN A 431 -1.66 -4.78 -17.58
C ASN A 431 -1.50 -6.16 -16.96
N PRO A 432 -0.27 -6.45 -16.49
CA PRO A 432 0.00 -7.76 -15.89
C PRO A 432 -0.97 -8.10 -14.76
N LYS A 433 -1.19 -9.40 -14.56
CA LYS A 433 -2.20 -9.88 -13.61
C LYS A 433 -2.01 -9.32 -12.19
N ILE A 434 -0.76 -9.14 -11.75
CA ILE A 434 -0.51 -8.60 -10.42
C ILE A 434 -0.98 -7.14 -10.32
N LEU A 435 -0.75 -6.37 -11.38
CA LEU A 435 -1.18 -4.97 -11.43
C LEU A 435 -2.70 -4.89 -11.40
N GLU A 436 -3.34 -5.75 -12.19
CA GLU A 436 -4.79 -5.74 -12.26
C GLU A 436 -5.42 -6.15 -10.93
N ALA A 437 -4.73 -6.99 -10.17
CA ALA A 437 -5.33 -7.46 -8.92
C ALA A 437 -5.39 -6.34 -7.89
N SER A 438 -4.35 -5.54 -7.80
CA SER A 438 -4.39 -4.48 -6.78
C SER A 438 -5.29 -3.33 -7.27
N VAL A 439 -5.35 -3.12 -8.58
CA VAL A 439 -6.35 -2.22 -9.15
C VAL A 439 -7.76 -2.66 -8.77
N ILE A 440 -8.03 -3.95 -8.90
CA ILE A 440 -9.32 -4.49 -8.47
C ILE A 440 -9.59 -4.28 -6.97
N ILE A 441 -8.60 -4.60 -6.14
CA ILE A 441 -8.74 -4.39 -4.71
C ILE A 441 -9.09 -2.93 -4.40
N CYS A 442 -8.41 -1.99 -5.05
CA CYS A 442 -8.70 -0.57 -4.82
C CYS A 442 -10.15 -0.24 -5.18
N ARG A 443 -10.56 -0.69 -6.36
CA ARG A 443 -11.92 -0.45 -6.84
C ARG A 443 -13.00 -0.99 -5.90
N VAL A 444 -12.91 -2.27 -5.54
CA VAL A 444 -13.98 -2.89 -4.76
C VAL A 444 -14.01 -2.38 -3.33
N ILE A 445 -12.86 -1.94 -2.82
CA ILE A 445 -12.84 -1.40 -1.47
C ILE A 445 -13.40 0.02 -1.47
N ASP A 446 -12.99 0.82 -2.45
CA ASP A 446 -13.53 2.17 -2.59
C ASP A 446 -15.05 2.17 -2.74
N ASP A 447 -15.59 1.27 -3.55
CA ASP A 447 -17.03 1.25 -3.75
C ASP A 447 -17.78 0.77 -2.53
N THR A 448 -17.18 -0.14 -1.77
CA THR A 448 -17.81 -0.63 -0.55
C THR A 448 -17.88 0.46 0.52
N ALA A 449 -16.79 1.21 0.64
CA ALA A 449 -16.68 2.24 1.68
C ALA A 449 -17.56 3.44 1.38
N THR A 450 -17.50 3.88 0.12
CA THR A 450 -18.19 5.08 -0.30
C THR A 450 -19.51 4.77 -0.99
N TYR A 451 -20.19 3.71 -0.54
CA TYR A 451 -21.49 3.42 -1.10
C TYR A 451 -22.56 4.32 -0.47
N GLU A 452 -22.58 4.41 0.85
CA GLU A 452 -23.56 5.27 1.50
C GLU A 452 -23.10 6.73 1.58
N VAL A 453 -21.83 6.96 1.24
CA VAL A 453 -21.32 8.33 1.07
C VAL A 453 -22.01 9.00 -0.12
N GLU A 454 -22.11 8.27 -1.22
CA GLU A 454 -22.56 8.83 -2.47
C GLU A 454 -23.81 8.15 -3.03
N LYS A 455 -24.57 7.47 -2.16
CA LYS A 455 -25.94 7.13 -2.51
C LYS A 455 -26.82 8.21 -1.89
N SER A 456 -26.17 9.12 -1.17
CA SER A 456 -26.81 10.31 -0.61
C SER A 456 -26.58 11.52 -1.52
N ARG A 457 -25.42 11.54 -2.19
CA ARG A 457 -25.02 12.66 -3.05
C ARG A 457 -25.57 12.57 -4.48
N GLY A 458 -26.61 11.74 -4.67
CA GLY A 458 -27.33 11.67 -5.93
C GLY A 458 -26.70 10.82 -7.03
N GLN A 459 -25.73 9.98 -6.67
CA GLN A 459 -24.99 9.22 -7.68
C GLN A 459 -25.58 7.84 -7.93
N ILE A 460 -26.53 7.79 -8.87
CA ILE A 460 -27.17 6.56 -9.32
C ILE A 460 -26.22 5.62 -10.08
N ALA A 461 -25.00 6.09 -10.34
CA ALA A 461 -24.03 5.32 -11.13
C ALA A 461 -22.90 4.75 -10.27
N THR A 462 -23.17 4.48 -8.99
CA THR A 462 -22.15 3.89 -8.11
C THR A 462 -21.84 2.46 -8.53
N GLY A 463 -20.70 1.95 -8.07
CA GLY A 463 -20.30 0.59 -8.39
C GLY A 463 -21.26 -0.44 -7.85
N ILE A 464 -21.57 -0.34 -6.56
CA ILE A 464 -22.45 -1.29 -5.91
C ILE A 464 -23.85 -1.25 -6.55
N GLU A 465 -24.28 -0.06 -6.98
CA GLU A 465 -25.61 0.11 -7.56
C GLU A 465 -25.74 -0.63 -8.89
N CYS A 466 -24.62 -0.81 -9.59
CA CYS A 466 -24.60 -1.63 -10.82
C CYS A 466 -24.75 -3.10 -10.47
N CYS A 467 -23.96 -3.53 -9.49
CA CYS A 467 -23.96 -4.92 -9.04
C CYS A 467 -25.35 -5.39 -8.59
N MET A 468 -26.11 -4.49 -7.98
CA MET A 468 -27.47 -4.81 -7.52
C MET A 468 -28.44 -4.94 -8.70
N ARG A 469 -28.51 -3.93 -9.57
CA ARG A 469 -29.45 -3.94 -10.71
C ARG A 469 -29.12 -5.05 -11.71
N ASP A 470 -27.84 -5.38 -11.82
CA ASP A 470 -27.37 -6.40 -12.74
C ASP A 470 -27.71 -7.83 -12.27
N TYR A 471 -27.28 -8.18 -11.07
CA TYR A 471 -27.43 -9.54 -10.55
C TYR A 471 -28.75 -9.82 -9.85
N GLY A 472 -29.54 -8.77 -9.59
CA GLY A 472 -30.80 -8.93 -8.89
C GLY A 472 -30.57 -9.30 -7.44
N ILE A 473 -29.52 -8.75 -6.86
CA ILE A 473 -29.13 -9.03 -5.49
C ILE A 473 -29.16 -7.74 -4.65
N SER A 474 -29.26 -7.90 -3.33
CA SER A 474 -29.39 -6.74 -2.43
C SER A 474 -28.04 -6.07 -2.21
N THR A 475 -28.04 -5.01 -1.39
CA THR A 475 -26.81 -4.30 -1.02
C THR A 475 -25.90 -5.19 -0.17
N LYS A 476 -26.53 -6.14 0.52
CA LYS A 476 -25.83 -7.16 1.30
C LYS A 476 -24.95 -8.00 0.38
N GLU A 477 -25.59 -8.74 -0.52
CA GLU A 477 -24.91 -9.65 -1.45
C GLU A 477 -23.96 -8.93 -2.39
N ALA A 478 -24.32 -7.69 -2.74
CA ALA A 478 -23.50 -6.85 -3.60
C ALA A 478 -22.14 -6.56 -2.95
N MET A 479 -22.18 -5.97 -1.74
CA MET A 479 -20.97 -5.66 -0.99
C MET A 479 -20.14 -6.90 -0.65
N ALA A 480 -20.81 -8.06 -0.63
CA ALA A 480 -20.14 -9.34 -0.47
C ALA A 480 -19.41 -9.73 -1.75
N LYS A 481 -20.17 -9.95 -2.83
CA LYS A 481 -19.62 -10.35 -4.13
C LYS A 481 -18.46 -9.47 -4.58
N PHE A 482 -18.42 -8.25 -4.05
CA PHE A 482 -17.28 -7.37 -4.26
C PHE A 482 -16.10 -7.77 -3.38
N GLN A 483 -16.34 -7.92 -2.08
CA GLN A 483 -15.31 -8.40 -1.15
C GLN A 483 -14.80 -9.75 -1.66
N ASN A 484 -15.70 -10.51 -2.27
CA ASN A 484 -15.36 -11.73 -2.98
C ASN A 484 -14.20 -11.52 -3.98
N MET A 485 -14.35 -10.55 -4.88
CA MET A 485 -13.33 -10.28 -5.89
C MET A 485 -12.03 -9.77 -5.27
N ALA A 486 -12.15 -9.09 -4.15
CA ALA A 486 -10.98 -8.67 -3.41
C ALA A 486 -10.17 -9.89 -2.95
N GLU A 487 -10.85 -10.95 -2.52
CA GLU A 487 -10.15 -12.12 -2.01
C GLU A 487 -9.42 -12.84 -3.12
N THR A 488 -10.11 -12.97 -4.25
CA THR A 488 -9.52 -13.51 -5.47
C THR A 488 -8.26 -12.72 -5.83
N ALA A 489 -8.40 -11.40 -5.84
CA ALA A 489 -7.29 -10.52 -6.21
C ALA A 489 -6.07 -10.69 -5.27
N TRP A 490 -6.31 -10.87 -3.99
CA TRP A 490 -5.17 -11.12 -3.10
C TRP A 490 -4.45 -12.43 -3.46
N LYS A 491 -5.23 -13.44 -3.83
CA LYS A 491 -4.62 -14.69 -4.25
C LYS A 491 -3.75 -14.45 -5.47
N ASP A 492 -4.21 -13.58 -6.38
CA ASP A 492 -3.45 -13.29 -7.58
C ASP A 492 -2.22 -12.43 -7.31
N ILE A 493 -2.32 -11.55 -6.34
CA ILE A 493 -1.15 -10.80 -5.94
C ILE A 493 -0.12 -11.75 -5.39
N ASN A 494 -0.54 -12.61 -4.48
CA ASN A 494 0.40 -13.54 -3.84
C ASN A 494 1.04 -14.48 -4.85
N GLU A 495 0.24 -14.98 -5.78
CA GLU A 495 0.76 -15.78 -6.87
C GLU A 495 1.73 -15.00 -7.75
N GLY A 496 1.46 -13.71 -7.95
CA GLY A 496 2.33 -12.85 -8.75
C GLY A 496 3.71 -12.59 -8.16
N LEU A 497 3.90 -12.88 -6.88
CA LEU A 497 5.21 -12.68 -6.25
C LEU A 497 6.14 -13.88 -6.44
N LEU A 498 5.59 -15.00 -6.92
CA LEU A 498 6.33 -16.26 -6.96
C LEU A 498 7.35 -16.34 -8.10
N ARG A 499 8.50 -16.93 -7.81
CA ARG A 499 9.53 -17.04 -8.82
C ARG A 499 9.23 -18.19 -9.76
N PRO A 500 9.63 -18.08 -11.03
CA PRO A 500 10.31 -16.93 -11.66
C PRO A 500 9.38 -15.74 -11.87
N THR A 501 9.79 -14.58 -11.36
CA THR A 501 9.00 -13.36 -11.48
C THR A 501 9.19 -12.70 -12.85
N PRO A 502 8.13 -12.09 -13.38
CA PRO A 502 8.19 -11.52 -14.74
C PRO A 502 9.15 -10.33 -14.84
N VAL A 503 9.26 -9.57 -13.77
CA VAL A 503 10.23 -8.49 -13.69
C VAL A 503 10.89 -8.64 -12.33
N SER A 504 11.97 -7.91 -12.08
CA SER A 504 12.66 -8.07 -10.81
C SER A 504 11.72 -7.65 -9.67
N THR A 505 11.84 -8.34 -8.53
CA THR A 505 10.94 -8.19 -7.38
C THR A 505 10.79 -6.74 -6.92
N GLU A 506 11.84 -5.95 -7.15
CA GLU A 506 11.84 -4.53 -6.86
C GLU A 506 10.68 -3.80 -7.57
N PHE A 507 10.25 -4.32 -8.70
CA PHE A 507 9.18 -3.66 -9.43
C PHE A 507 7.83 -4.29 -9.15
N LEU A 508 7.79 -5.31 -8.28
CA LEU A 508 6.52 -5.90 -7.87
C LEU A 508 6.07 -5.35 -6.53
N THR A 509 7.02 -5.11 -5.64
CA THR A 509 6.69 -4.64 -4.30
C THR A 509 5.87 -3.33 -4.29
N PRO A 510 6.17 -2.37 -5.20
CA PRO A 510 5.29 -1.19 -5.20
C PRO A 510 3.83 -1.52 -5.50
N ILE A 511 3.59 -2.50 -6.37
CA ILE A 511 2.23 -2.89 -6.72
C ILE A 511 1.57 -3.59 -5.53
N LEU A 512 2.32 -4.43 -4.83
CA LEU A 512 1.80 -5.06 -3.62
C LEU A 512 1.54 -4.00 -2.55
N ASN A 513 2.48 -3.06 -2.40
CA ASN A 513 2.31 -2.00 -1.41
C ASN A 513 1.10 -1.12 -1.70
N LEU A 514 0.84 -0.85 -2.98
CA LEU A 514 -0.37 -0.14 -3.37
C LEU A 514 -1.65 -0.84 -2.88
N ALA A 515 -1.68 -2.17 -2.96
CA ALA A 515 -2.83 -2.92 -2.46
C ALA A 515 -2.94 -2.85 -0.93
N ARG A 516 -1.80 -2.99 -0.25
CA ARG A 516 -1.74 -2.83 1.21
C ARG A 516 -2.34 -1.50 1.70
N ILE A 517 -1.91 -0.41 1.09
CA ILE A 517 -2.33 0.92 1.55
C ILE A 517 -3.85 1.12 1.48
N VAL A 518 -4.45 0.56 0.43
CA VAL A 518 -5.89 0.64 0.28
C VAL A 518 -6.58 -0.10 1.43
N GLU A 519 -6.10 -1.30 1.75
CA GLU A 519 -6.68 -2.07 2.85
C GLU A 519 -6.59 -1.32 4.17
N VAL A 520 -5.46 -0.68 4.40
CA VAL A 520 -5.19 -0.01 5.67
C VAL A 520 -6.00 1.30 5.85
N THR A 521 -6.10 2.08 4.78
CA THR A 521 -6.81 3.36 4.78
C THR A 521 -8.31 3.18 4.93
N TYR A 522 -8.81 2.06 4.43
CA TYR A 522 -10.24 1.83 4.39
C TYR A 522 -10.65 0.77 5.39
N ILE A 523 -9.74 0.45 6.30
CA ILE A 523 -10.07 -0.47 7.40
C ILE A 523 -11.38 -0.03 8.04
N HIS A 524 -12.18 -1.02 8.44
CA HIS A 524 -13.49 -0.78 9.03
C HIS A 524 -14.46 -0.02 8.10
N ASN A 525 -14.18 -0.09 6.80
CA ASN A 525 -15.08 0.37 5.75
C ASN A 525 -15.37 1.87 5.76
N LEU A 526 -14.31 2.68 5.79
CA LEU A 526 -14.45 4.13 5.83
C LEU A 526 -13.41 4.77 4.94
N ASP A 527 -13.82 5.82 4.22
CA ASP A 527 -12.93 6.59 3.36
C ASP A 527 -11.90 7.36 4.21
N GLY A 528 -10.81 6.69 4.56
CA GLY A 528 -9.79 7.28 5.39
C GLY A 528 -8.99 8.39 4.72
N TYR A 529 -9.11 8.49 3.40
CA TYR A 529 -8.41 9.56 2.70
C TYR A 529 -9.21 10.84 2.76
N THR A 530 -10.52 10.72 2.58
CA THR A 530 -11.38 11.89 2.62
C THR A 530 -11.64 12.27 4.06
N HIS A 531 -11.63 11.26 4.93
CA HIS A 531 -11.80 11.47 6.37
C HIS A 531 -10.64 10.87 7.14
N PRO A 532 -9.49 11.55 7.10
CA PRO A 532 -8.23 11.02 7.63
C PRO A 532 -8.24 11.01 9.15
N GLU A 533 -9.21 11.72 9.73
CA GLU A 533 -9.34 11.93 11.15
C GLU A 533 -9.16 10.63 11.96
N LYS A 534 -10.07 9.68 11.75
CA LYS A 534 -10.10 8.49 12.60
C LYS A 534 -8.93 7.57 12.30
N VAL A 535 -8.59 7.37 11.03
CA VAL A 535 -7.62 6.33 10.69
C VAL A 535 -6.23 6.83 10.35
N LEU A 536 -6.14 7.73 9.38
CA LEU A 536 -4.84 8.10 8.81
C LEU A 536 -4.01 8.98 9.73
N LYS A 537 -4.66 9.84 10.48
CA LYS A 537 -3.95 10.78 11.34
C LYS A 537 -3.10 10.06 12.42
N PRO A 538 -3.63 9.02 13.07
CA PRO A 538 -2.72 8.29 13.97
C PRO A 538 -1.50 7.71 13.25
N HIS A 539 -1.67 7.22 12.03
CA HIS A 539 -0.55 6.66 11.28
C HIS A 539 0.45 7.74 10.96
N ILE A 540 -0.06 8.91 10.59
CA ILE A 540 0.77 10.00 10.14
C ILE A 540 1.57 10.55 11.33
N ILE A 541 0.92 10.63 12.47
CA ILE A 541 1.59 11.02 13.68
C ILE A 541 2.72 10.04 14.03
N ASN A 542 2.45 8.72 13.99
CA ASN A 542 3.46 7.77 14.43
C ASN A 542 4.60 7.58 13.44
N LEU A 543 4.38 7.96 12.18
CA LEU A 543 5.45 7.83 11.19
C LEU A 543 6.21 9.12 10.86
N LEU A 544 5.62 10.28 11.17
CA LEU A 544 6.14 11.54 10.62
C LEU A 544 6.14 12.69 11.62
N VAL A 545 5.53 12.47 12.78
CA VAL A 545 5.54 13.45 13.85
C VAL A 545 6.36 12.95 15.06
N ASP A 546 5.84 11.96 15.78
CA ASP A 546 6.52 11.41 16.97
C ASP A 546 7.69 10.50 16.60
N SER A 547 8.82 10.69 17.27
CA SER A 547 9.96 9.77 17.18
C SER A 547 9.79 8.61 18.16
N ILE A 548 10.50 7.52 17.92
CA ILE A 548 10.45 6.42 18.87
C ILE A 548 11.35 6.80 20.03
N LYS A 549 10.78 6.97 21.22
CA LYS A 549 11.60 7.38 22.36
C LYS A 549 12.56 6.24 22.65
N ILE A 550 13.81 6.59 22.90
CA ILE A 550 14.82 5.56 23.10
C ILE A 550 15.15 5.29 24.57
#